data_6ULI
#
_entry.id   6ULI
#
_cell.length_a   95.365
_cell.length_b   76.266
_cell.length_c   62.696
_cell.angle_alpha   90.000
_cell.angle_beta   118.219
_cell.angle_gamma   90.000
#
_symmetry.space_group_name_H-M   'C 1 2 1'
#
loop_
_entity.id
_entity.type
_entity.pdbx_description
1 polymer 'HLA class I antigen'
2 polymer Beta-2-microglobulin
3 polymer GLY-ALA-ASP-GLY-VAL-GLY-LYS-SER-ALA
4 water water
#
loop_
_entity_poly.entity_id
_entity_poly.type
_entity_poly.pdbx_seq_one_letter_code
_entity_poly.pdbx_strand_id
1 'polypeptide(L)'
;CSHSMRYFYTAVSRPGRGEPRFIAVGYVDDTQFVQFDSDAASPRGEPRAPWVEQEGPEYWDRETQKYKRQAQTDRVSLRN
LRGYYNQSEAGSHTLQRMYGCDLGPDGRLLRGYNQFAYDGKDYIALNEDLRSWTAADKAAQITQRKWEAAREAEQRRAYL
EGTCVEWLRRYLENGKKTLQRAEHPKTHVTHHPVSDHEATLRCWALGFYPAEITLTWQRDGEDQTQDTELVETRPAGDGT
FQKWAAVVVPSGEEQRYTCHVQHEGLPEPLTLRW
;
A
2 'polypeptide(L)'
;MIQRTPKIQVYSRHPAENGKSNFLNCYVSGFHPSDIEVDLLKNGERIEKVEHSDLSFSKDWSFYLLYYTEFTPTEKDEYA
CRVNHVTLSQPKIVKWDRDM
;
B
3 'polypeptide(L)' GADGVGKSA C
#
# COMPACT_ATOMS: atom_id res chain seq x y z
N SER A 2 -9.17 -15.73 6.08
CA SER A 2 -9.74 -14.46 6.50
C SER A 2 -9.91 -13.50 5.32
N HIS A 3 -10.81 -12.54 5.49
CA HIS A 3 -11.06 -11.50 4.49
C HIS A 3 -11.26 -10.18 5.20
N SER A 4 -10.95 -9.08 4.50
CA SER A 4 -10.96 -7.77 5.14
C SER A 4 -11.39 -6.70 4.15
N MET A 5 -12.02 -5.65 4.68
CA MET A 5 -12.26 -4.41 3.95
C MET A 5 -11.56 -3.29 4.70
N ARG A 6 -10.81 -2.46 3.98
CA ARG A 6 -9.92 -1.47 4.60
C ARG A 6 -9.98 -0.16 3.82
N TYR A 7 -10.07 0.95 4.55
CA TYR A 7 -10.05 2.28 3.96
C TYR A 7 -8.86 3.07 4.49
N PHE A 8 -8.30 3.90 3.62
CA PHE A 8 -7.13 4.72 3.93
C PHE A 8 -7.41 6.15 3.50
N TYR A 9 -7.41 7.07 4.46
CA TYR A 9 -7.66 8.48 4.20
C TYR A 9 -6.38 9.28 4.43
N THR A 10 -6.10 10.23 3.53
CA THR A 10 -4.98 11.15 3.68
C THR A 10 -5.47 12.57 3.42
N ALA A 11 -5.13 13.49 4.32
CA ALA A 11 -5.46 14.90 4.18
C ALA A 11 -4.21 15.73 4.43
N VAL A 12 -3.91 16.61 3.49
CA VAL A 12 -2.64 17.41 3.51
C VAL A 12 -2.92 18.90 3.34
N SER A 13 -2.53 19.69 4.32
CA SER A 13 -2.71 21.16 4.24
C SER A 13 -1.64 21.76 3.31
N ARG A 14 -1.93 22.91 2.73
CA ARG A 14 -0.96 23.60 1.87
C ARG A 14 -1.25 25.08 2.03
N PRO A 15 -0.80 25.73 3.10
CA PRO A 15 -1.18 27.11 3.35
C PRO A 15 -0.74 28.03 2.21
N GLY A 16 -1.67 28.85 1.76
CA GLY A 16 -1.46 29.81 0.67
C GLY A 16 -1.75 29.22 -0.69
N ARG A 17 -2.07 27.94 -0.74
CA ARG A 17 -2.37 27.24 -2.01
C ARG A 17 -3.78 26.67 -1.95
N GLY A 18 -4.65 27.28 -1.17
CA GLY A 18 -6.02 26.77 -1.12
C GLY A 18 -6.21 25.78 0.01
N GLU A 19 -7.38 25.17 0.04
CA GLU A 19 -7.83 24.22 1.08
C GLU A 19 -7.06 22.90 0.99
N PRO A 20 -6.96 22.14 2.09
CA PRO A 20 -6.23 20.90 2.09
C PRO A 20 -6.80 19.86 1.12
N ARG A 21 -5.90 19.10 0.54
CA ARG A 21 -6.30 18.02 -0.38
C ARG A 21 -6.72 16.81 0.45
N PHE A 22 -7.72 16.09 0.00
CA PHE A 22 -8.20 14.88 0.66
C PHE A 22 -8.24 13.73 -0.34
N ILE A 23 -7.61 12.61 0.01
CA ILE A 23 -7.55 11.43 -0.84
C ILE A 23 -8.00 10.23 -0.02
N ALA A 24 -8.87 9.41 -0.60
CA ALA A 24 -9.34 8.18 0.03
C ALA A 24 -9.21 7.01 -0.93
N VAL A 25 -8.82 5.85 -0.40
CA VAL A 25 -8.76 4.61 -1.15
C VAL A 25 -9.34 3.49 -0.30
N GLY A 26 -10.02 2.55 -0.94
CA GLY A 26 -10.57 1.40 -0.24
C GLY A 26 -10.15 0.12 -0.91
N TYR A 27 -9.96 -0.91 -0.07
CA TYR A 27 -9.51 -2.22 -0.51
C TYR A 27 -10.40 -3.30 0.07
N VAL A 28 -10.57 -4.37 -0.70
CA VAL A 28 -10.98 -5.68 -0.17
C VAL A 28 -9.78 -6.59 -0.29
N ASP A 29 -9.30 -7.10 0.85
CA ASP A 29 -8.04 -7.83 0.90
C ASP A 29 -6.95 -6.97 0.25
N ASP A 30 -6.30 -7.47 -0.79
CA ASP A 30 -5.26 -6.70 -1.48
C ASP A 30 -5.71 -6.13 -2.81
N THR A 31 -7.03 -5.95 -3.00
CA THR A 31 -7.58 -5.45 -4.24
C THR A 31 -8.26 -4.11 -3.97
N GLN A 32 -7.74 -3.05 -4.59
CA GLN A 32 -8.38 -1.75 -4.49
C GLN A 32 -9.68 -1.76 -5.29
N PHE A 33 -10.73 -1.14 -4.73
CA PHE A 33 -11.99 -1.04 -5.45
C PHE A 33 -12.57 0.37 -5.53
N VAL A 34 -11.98 1.37 -4.87
CA VAL A 34 -12.53 2.71 -4.90
C VAL A 34 -11.41 3.72 -4.65
N GLN A 35 -11.58 4.91 -5.20
CA GLN A 35 -10.69 6.03 -4.96
C GLN A 35 -11.51 7.32 -4.98
N PHE A 36 -11.08 8.29 -4.16
CA PHE A 36 -11.60 9.65 -4.22
C PHE A 36 -10.43 10.61 -4.04
N ASP A 37 -10.43 11.68 -4.83
CA ASP A 37 -9.38 12.70 -4.74
C ASP A 37 -10.05 14.06 -4.88
N SER A 38 -10.02 14.86 -3.82
CA SER A 38 -10.61 16.19 -3.86
C SER A 38 -9.97 17.09 -4.91
N ASP A 39 -8.73 16.80 -5.31
CA ASP A 39 -8.04 17.56 -6.34
C ASP A 39 -8.29 17.04 -7.75
N ALA A 40 -9.06 15.96 -7.91
CA ALA A 40 -9.29 15.40 -9.23
C ALA A 40 -10.04 16.39 -10.12
N ALA A 41 -9.95 16.15 -11.44
CA ALA A 41 -10.63 17.03 -12.40
C ALA A 41 -12.12 17.10 -12.11
N SER A 42 -12.75 15.95 -11.88
CA SER A 42 -14.11 15.90 -11.36
C SER A 42 -14.10 15.06 -10.09
N PRO A 43 -14.11 15.69 -8.93
CA PRO A 43 -13.99 14.93 -7.67
C PRO A 43 -15.22 14.09 -7.37
N ARG A 44 -15.09 12.78 -7.51
CA ARG A 44 -16.18 11.86 -7.14
C ARG A 44 -15.57 10.49 -6.89
N GLY A 45 -16.37 9.64 -6.23
CA GLY A 45 -15.97 8.27 -6.01
C GLY A 45 -15.81 7.52 -7.32
N GLU A 46 -14.67 6.84 -7.50
CA GLU A 46 -14.39 6.18 -8.75
C GLU A 46 -14.14 4.70 -8.55
N PRO A 47 -14.69 3.84 -9.41
CA PRO A 47 -14.43 2.40 -9.26
C PRO A 47 -13.03 2.03 -9.70
N ARG A 48 -12.45 1.06 -8.99
CA ARG A 48 -11.13 0.51 -9.33
C ARG A 48 -11.17 -1.00 -9.52
N ALA A 49 -12.34 -1.61 -9.48
CA ALA A 49 -12.50 -3.05 -9.64
C ALA A 49 -13.81 -3.33 -10.34
N PRO A 50 -13.89 -4.38 -11.15
CA PRO A 50 -15.12 -4.61 -11.94
C PRO A 50 -16.34 -4.94 -11.09
N TRP A 51 -16.18 -5.48 -9.88
CA TRP A 51 -17.34 -5.91 -9.11
C TRP A 51 -18.02 -4.78 -8.35
N VAL A 52 -17.51 -3.55 -8.45
CA VAL A 52 -18.25 -2.37 -8.02
C VAL A 52 -18.65 -1.48 -9.17
N GLU A 53 -18.13 -1.74 -10.38
CA GLU A 53 -18.53 -0.99 -11.57
C GLU A 53 -20.03 -1.10 -11.80
N GLN A 54 -20.58 -2.29 -11.64
CA GLN A 54 -21.98 -2.55 -11.94
C GLN A 54 -22.91 -2.18 -10.79
N GLU A 55 -22.36 -1.54 -9.77
CA GLU A 55 -23.23 -1.00 -8.70
C GLU A 55 -23.90 0.22 -9.34
N GLY A 56 -25.08 0.58 -8.91
CA GLY A 56 -25.80 1.65 -9.61
C GLY A 56 -25.29 3.07 -9.36
N PRO A 57 -25.84 4.05 -10.10
CA PRO A 57 -25.49 5.44 -9.91
C PRO A 57 -25.85 5.92 -8.51
N GLU A 58 -26.93 5.45 -7.89
CA GLU A 58 -27.22 5.93 -6.51
C GLU A 58 -26.14 5.43 -5.54
N TYR A 59 -25.60 4.23 -5.74
CA TYR A 59 -24.53 3.77 -4.83
C TYR A 59 -23.35 4.74 -4.92
N TRP A 60 -22.95 5.04 -6.14
CA TRP A 60 -21.80 5.93 -6.40
C TRP A 60 -22.09 7.34 -5.91
N ASP A 61 -23.32 7.81 -6.10
CA ASP A 61 -23.68 9.16 -5.63
C ASP A 61 -23.57 9.22 -4.12
N ARG A 62 -23.99 8.18 -3.43
CA ARG A 62 -23.95 8.12 -1.96
C ARG A 62 -22.48 8.12 -1.51
N GLU A 63 -21.65 7.31 -2.14
CA GLU A 63 -20.26 7.25 -1.71
C GLU A 63 -19.56 8.58 -1.96
N THR A 64 -19.86 9.24 -3.08
CA THR A 64 -19.23 10.52 -3.38
C THR A 64 -19.58 11.58 -2.33
N GLN A 65 -20.81 11.57 -1.84
CA GLN A 65 -21.21 12.56 -0.84
C GLN A 65 -20.60 12.27 0.52
N LYS A 66 -20.38 10.99 0.85
CA LYS A 66 -19.63 10.66 2.06
C LYS A 66 -18.22 11.26 2.00
N TYR A 67 -17.55 11.12 0.85
CA TYR A 67 -16.18 11.59 0.72
C TYR A 67 -16.09 13.11 0.78
N LYS A 68 -16.99 13.80 0.08
CA LYS A 68 -17.00 15.25 0.13
C LYS A 68 -17.26 15.75 1.55
N ARG A 69 -18.19 15.11 2.26
CA ARG A 69 -18.44 15.46 3.65
C ARG A 69 -17.24 15.13 4.53
N GLN A 70 -16.60 13.99 4.29
CA GLN A 70 -15.41 13.62 5.06
C GLN A 70 -14.25 14.57 4.78
N ALA A 71 -14.10 14.99 3.51
CA ALA A 71 -13.03 15.92 3.18
C ALA A 71 -13.18 17.23 3.93
N GLN A 72 -14.41 17.74 4.04
CA GLN A 72 -14.64 18.97 4.79
C GLN A 72 -14.31 18.80 6.27
N THR A 73 -14.70 17.66 6.85
CA THR A 73 -14.43 17.42 8.26
C THR A 73 -12.93 17.26 8.52
N ASP A 74 -12.18 16.71 7.57
CA ASP A 74 -10.75 16.56 7.78
C ASP A 74 -10.00 17.88 7.64
N ARG A 75 -10.51 18.81 6.82
CA ARG A 75 -9.92 20.14 6.77
C ARG A 75 -10.08 20.85 8.11
N VAL A 76 -11.22 20.67 8.77
CA VAL A 76 -11.43 21.25 10.09
C VAL A 76 -10.46 20.65 11.10
N SER A 77 -10.34 19.31 11.09
CA SER A 77 -9.43 18.65 12.02
C SER A 77 -8.00 19.12 11.84
N LEU A 78 -7.58 19.35 10.60
CA LEU A 78 -6.23 19.86 10.36
C LEU A 78 -6.04 21.23 10.99
N ARG A 79 -7.06 22.09 10.90
CA ARG A 79 -6.96 23.41 11.51
C ARG A 79 -7.00 23.33 13.03
N ASN A 80 -7.85 22.44 13.58
CA ASN A 80 -7.88 22.23 15.02
C ASN A 80 -6.55 21.69 15.52
N LEU A 81 -6.00 20.71 14.81
CA LEU A 81 -4.74 20.09 15.25
C LEU A 81 -3.60 21.09 15.26
N ARG A 82 -3.55 21.97 14.26
CA ARG A 82 -2.54 23.03 14.25
C ARG A 82 -2.68 23.93 15.47
N GLY A 83 -3.90 24.11 15.96
CA GLY A 83 -4.09 24.91 17.17
C GLY A 83 -3.67 24.16 18.43
N TYR A 84 -4.01 22.88 18.52
CA TYR A 84 -3.64 22.08 19.69
C TYR A 84 -2.13 22.11 19.91
N TYR A 85 -1.36 22.00 18.84
CA TYR A 85 0.10 22.01 18.90
C TYR A 85 0.69 23.40 18.76
N ASN A 86 -0.14 24.42 18.51
CA ASN A 86 0.30 25.80 18.35
C ASN A 86 1.40 25.90 17.29
N GLN A 87 1.14 25.30 16.13
CA GLN A 87 2.08 25.30 15.03
C GLN A 87 1.88 26.53 14.16
N SER A 88 2.95 26.96 13.48
CA SER A 88 2.87 28.07 12.54
C SER A 88 1.83 27.78 11.47
N GLU A 89 1.22 28.85 10.94
CA GLU A 89 0.20 28.71 9.92
C GLU A 89 0.78 28.62 8.51
N ALA A 90 2.10 28.58 8.37
CA ALA A 90 2.74 28.50 7.06
C ALA A 90 3.14 27.08 6.67
N GLY A 91 3.13 26.13 7.61
CA GLY A 91 3.61 24.79 7.33
C GLY A 91 2.52 23.85 6.86
N SER A 92 2.93 22.87 6.06
CA SER A 92 2.01 21.84 5.57
C SER A 92 2.01 20.66 6.54
N HIS A 93 0.82 20.11 6.79
CA HIS A 93 0.67 19.03 7.75
C HIS A 93 -0.24 17.96 7.17
N THR A 94 -0.08 16.74 7.67
CA THR A 94 -0.75 15.56 7.13
C THR A 94 -1.58 14.89 8.22
N LEU A 95 -2.81 14.53 7.88
CA LEU A 95 -3.68 13.74 8.76
C LEU A 95 -4.06 12.47 8.03
N GLN A 96 -3.76 11.32 8.63
CA GLN A 96 -4.06 10.02 8.05
C GLN A 96 -5.00 9.24 8.95
N ARG A 97 -5.81 8.39 8.33
CA ARG A 97 -6.73 7.51 9.03
C ARG A 97 -6.83 6.19 8.28
N MET A 98 -6.74 5.09 9.00
CA MET A 98 -7.04 3.77 8.46
C MET A 98 -8.08 3.09 9.33
N TYR A 99 -9.09 2.51 8.70
CA TYR A 99 -10.11 1.76 9.43
C TYR A 99 -10.54 0.58 8.57
N GLY A 100 -11.11 -0.44 9.20
CA GLY A 100 -11.51 -1.62 8.46
C GLY A 100 -12.13 -2.67 9.37
N CYS A 101 -12.56 -3.76 8.74
CA CYS A 101 -13.11 -4.91 9.45
C CYS A 101 -12.58 -6.20 8.83
N ASP A 102 -12.41 -7.20 9.69
CA ASP A 102 -11.87 -8.50 9.30
C ASP A 102 -12.88 -9.60 9.59
N LEU A 103 -13.02 -10.53 8.65
CA LEU A 103 -13.79 -11.75 8.84
C LEU A 103 -12.86 -12.90 9.17
N GLY A 104 -13.25 -13.68 10.18
CA GLY A 104 -12.50 -14.86 10.53
C GLY A 104 -12.70 -15.97 9.52
N PRO A 105 -11.95 -17.06 9.70
CA PRO A 105 -12.21 -18.27 8.89
C PRO A 105 -13.66 -18.68 8.94
N ASP A 106 -14.31 -18.38 10.05
CA ASP A 106 -15.74 -18.50 10.25
C ASP A 106 -16.58 -17.91 9.12
N GLY A 107 -16.10 -16.82 8.53
CA GLY A 107 -16.96 -15.95 7.76
C GLY A 107 -17.73 -14.96 8.59
N ARG A 108 -17.58 -15.02 9.91
CA ARG A 108 -18.20 -14.08 10.83
C ARG A 108 -17.17 -13.04 11.27
N LEU A 109 -17.68 -11.96 11.88
CA LEU A 109 -16.79 -10.87 12.27
C LEU A 109 -15.72 -11.35 13.25
N LEU A 110 -14.49 -10.93 12.97
CA LEU A 110 -13.35 -11.23 13.83
C LEU A 110 -12.83 -10.00 14.55
N ARG A 111 -12.53 -8.92 13.82
CA ARG A 111 -12.03 -7.71 14.46
C ARG A 111 -12.31 -6.51 13.57
N GLY A 112 -12.24 -5.33 14.20
CA GLY A 112 -12.27 -4.08 13.47
C GLY A 112 -11.23 -3.14 14.05
N TYR A 113 -11.03 -2.02 13.37
CA TYR A 113 -10.02 -1.07 13.82
C TYR A 113 -10.29 0.29 13.21
N ASN A 114 -9.72 1.31 13.84
CA ASN A 114 -9.89 2.70 13.40
C ASN A 114 -8.79 3.50 14.07
N GLN A 115 -7.85 4.02 13.29
CA GLN A 115 -6.64 4.63 13.83
C GLN A 115 -6.29 5.89 13.06
N PHE A 116 -5.66 6.84 13.75
CA PHE A 116 -5.32 8.13 13.18
C PHE A 116 -3.84 8.45 13.40
N ALA A 117 -3.27 9.20 12.46
CA ALA A 117 -1.91 9.70 12.59
C ALA A 117 -1.86 11.14 12.13
N TYR A 118 -1.01 11.92 12.80
CA TYR A 118 -0.79 13.32 12.46
C TYR A 118 0.69 13.54 12.19
N ASP A 119 1.00 14.05 10.99
CA ASP A 119 2.39 14.24 10.54
C ASP A 119 3.20 12.95 10.67
N GLY A 120 2.57 11.83 10.33
CA GLY A 120 3.24 10.55 10.29
C GLY A 120 3.41 9.84 11.61
N LYS A 121 2.84 10.36 12.70
CA LYS A 121 2.98 9.75 14.02
C LYS A 121 1.61 9.39 14.58
N ASP A 122 1.58 8.30 15.34
CA ASP A 122 0.36 7.87 16.02
C ASP A 122 -0.27 9.05 16.76
N TYR A 123 -1.58 9.21 16.58
CA TYR A 123 -2.30 10.29 17.24
C TYR A 123 -3.39 9.75 18.17
N ILE A 124 -4.40 9.06 17.63
CA ILE A 124 -5.44 8.47 18.46
C ILE A 124 -5.96 7.23 17.75
N ALA A 125 -6.45 6.28 18.55
CA ALA A 125 -6.90 4.99 18.01
C ALA A 125 -8.01 4.43 18.88
N LEU A 126 -9.00 3.83 18.23
CA LEU A 126 -9.92 2.96 18.93
C LEU A 126 -9.18 1.72 19.42
N ASN A 127 -9.45 1.33 20.67
CA ASN A 127 -8.82 0.12 21.18
C ASN A 127 -9.48 -1.11 20.55
N GLU A 128 -8.87 -2.27 20.78
CA GLU A 128 -9.34 -3.49 20.12
C GLU A 128 -10.78 -3.81 20.48
N ASP A 129 -11.24 -3.40 21.66
CA ASP A 129 -12.63 -3.64 22.04
C ASP A 129 -13.61 -2.73 21.31
N LEU A 130 -13.11 -1.76 20.55
CA LEU A 130 -13.93 -0.79 19.83
C LEU A 130 -14.85 0.00 20.76
N ARG A 131 -14.47 0.14 22.02
CA ARG A 131 -15.24 0.88 22.99
C ARG A 131 -14.48 2.01 23.67
N SER A 132 -13.15 1.99 23.63
CA SER A 132 -12.34 3.00 24.30
C SER A 132 -11.26 3.49 23.33
N TRP A 133 -10.62 4.59 23.71
CA TRP A 133 -9.62 5.25 22.90
C TRP A 133 -8.26 5.18 23.58
N THR A 134 -7.21 5.33 22.77
CA THR A 134 -5.85 5.47 23.27
C THR A 134 -5.21 6.67 22.59
N ALA A 135 -4.90 7.68 23.39
CA ALA A 135 -4.37 8.94 22.90
C ALA A 135 -2.86 8.98 23.09
N ALA A 136 -2.15 9.43 22.04
CA ALA A 136 -0.70 9.39 22.05
C ALA A 136 -0.06 10.50 22.87
N ASP A 137 -0.75 11.62 23.07
CA ASP A 137 -0.18 12.74 23.81
C ASP A 137 -1.32 13.62 24.31
N LYS A 138 -0.95 14.77 24.88
CA LYS A 138 -1.96 15.63 25.51
C LYS A 138 -2.89 16.26 24.47
N ALA A 139 -2.35 16.59 23.28
CA ALA A 139 -3.20 17.14 22.23
C ALA A 139 -4.28 16.14 21.82
N ALA A 140 -3.90 14.86 21.70
CA ALA A 140 -4.87 13.83 21.35
C ALA A 140 -5.88 13.62 22.49
N GLN A 141 -5.50 13.95 23.73
CA GLN A 141 -6.44 13.83 24.83
C GLN A 141 -7.59 14.83 24.69
N ILE A 142 -7.33 15.99 24.07
CA ILE A 142 -8.40 16.92 23.74
C ILE A 142 -9.41 16.24 22.82
N THR A 143 -8.92 15.57 21.78
CA THR A 143 -9.81 14.87 20.86
C THR A 143 -10.53 13.72 21.57
N GLN A 144 -9.83 12.99 22.43
CA GLN A 144 -10.47 11.90 23.16
C GLN A 144 -11.61 12.42 24.01
N ARG A 145 -11.35 13.43 24.84
CA ARG A 145 -12.41 14.06 25.62
C ARG A 145 -13.55 14.51 24.73
N LYS A 146 -13.22 15.08 23.57
CA LYS A 146 -14.22 15.50 22.61
C LYS A 146 -15.06 14.32 22.13
N TRP A 147 -14.39 13.26 21.65
CA TRP A 147 -15.10 12.17 20.98
C TRP A 147 -15.92 11.34 21.97
N GLU A 148 -15.40 11.10 23.17
CA GLU A 148 -16.14 10.29 24.13
C GLU A 148 -17.31 11.06 24.73
N ALA A 149 -17.28 12.37 24.63
CA ALA A 149 -18.43 13.18 25.08
C ALA A 149 -19.55 13.01 24.05
N ALA A 150 -19.21 12.72 22.80
CA ALA A 150 -20.23 12.57 21.74
C ALA A 150 -20.41 11.10 21.37
N ARG A 151 -19.91 10.21 22.22
CA ARG A 151 -20.03 8.74 22.00
C ARG A 151 -19.58 8.38 20.58
N GLU A 152 -18.51 8.99 20.10
CA GLU A 152 -18.03 8.67 18.75
C GLU A 152 -17.72 7.19 18.61
N ALA A 153 -17.21 6.57 19.68
CA ALA A 153 -16.84 5.16 19.62
C ALA A 153 -18.05 4.27 19.38
N GLU A 154 -19.19 4.69 19.89
CA GLU A 154 -20.46 3.93 19.70
C GLU A 154 -20.82 3.98 18.22
N GLN A 155 -20.66 5.14 17.59
CA GLN A 155 -20.96 5.29 16.17
C GLN A 155 -19.98 4.47 15.32
N ARG A 156 -18.70 4.49 15.67
CA ARG A 156 -17.71 3.78 14.86
C ARG A 156 -17.86 2.27 15.02
N ARG A 157 -18.13 1.80 16.25
CA ARG A 157 -18.35 0.38 16.45
C ARG A 157 -19.57 -0.11 15.68
N ALA A 158 -20.62 0.69 15.63
CA ALA A 158 -21.81 0.33 14.86
C ALA A 158 -21.47 0.06 13.41
N TYR A 159 -20.64 0.92 12.80
CA TYR A 159 -20.22 0.70 11.43
C TYR A 159 -19.32 -0.52 11.30
N LEU A 160 -18.27 -0.57 12.12
CA LEU A 160 -17.22 -1.59 11.94
C LEU A 160 -17.77 -2.98 12.17
N GLU A 161 -18.66 -3.15 13.14
CA GLU A 161 -19.21 -4.47 13.45
C GLU A 161 -20.48 -4.78 12.67
N GLY A 162 -21.08 -3.80 12.00
CA GLY A 162 -22.30 -4.02 11.25
C GLY A 162 -22.18 -3.71 9.78
N THR A 163 -22.27 -2.42 9.43
CA THR A 163 -22.30 -2.00 8.04
C THR A 163 -21.07 -2.49 7.27
N CYS A 164 -19.89 -2.36 7.90
CA CYS A 164 -18.68 -2.75 7.20
C CYS A 164 -18.70 -4.23 6.81
N VAL A 165 -19.15 -5.11 7.70
CA VAL A 165 -19.20 -6.54 7.37
C VAL A 165 -20.25 -6.81 6.31
N GLU A 166 -21.35 -6.07 6.30
CA GLU A 166 -22.38 -6.29 5.29
C GLU A 166 -21.86 -5.94 3.89
N TRP A 167 -21.12 -4.83 3.77
CA TRP A 167 -20.52 -4.49 2.49
C TRP A 167 -19.49 -5.53 2.07
N LEU A 168 -18.60 -5.91 2.99
CA LEU A 168 -17.56 -6.89 2.69
C LEU A 168 -18.15 -8.19 2.16
N ARG A 169 -19.19 -8.69 2.82
CA ARG A 169 -19.85 -9.90 2.35
C ARG A 169 -20.44 -9.70 0.97
N ARG A 170 -21.10 -8.56 0.73
CA ARG A 170 -21.65 -8.26 -0.58
C ARG A 170 -20.54 -8.22 -1.63
N TYR A 171 -19.43 -7.55 -1.31
CA TYR A 171 -18.32 -7.46 -2.25
C TYR A 171 -17.71 -8.84 -2.52
N LEU A 172 -17.55 -9.65 -1.47
CA LEU A 172 -16.98 -10.98 -1.65
C LEU A 172 -17.85 -11.84 -2.56
N GLU A 173 -19.16 -11.69 -2.47
CA GLU A 173 -20.05 -12.46 -3.32
C GLU A 173 -20.00 -11.96 -4.77
N ASN A 174 -20.12 -10.65 -4.97
CA ASN A 174 -20.17 -10.12 -6.32
C ASN A 174 -18.85 -10.27 -7.06
N GLY A 175 -17.72 -10.28 -6.33
CA GLY A 175 -16.43 -10.39 -6.98
C GLY A 175 -15.73 -11.70 -6.71
N LYS A 176 -16.52 -12.77 -6.51
CA LYS A 176 -15.94 -14.02 -6.04
C LYS A 176 -14.97 -14.63 -7.05
N LYS A 177 -15.14 -14.33 -8.35
CA LYS A 177 -14.26 -14.95 -9.34
C LYS A 177 -12.81 -14.49 -9.16
N THR A 178 -12.59 -13.28 -8.67
CA THR A 178 -11.24 -12.78 -8.46
C THR A 178 -10.88 -12.59 -6.99
N LEU A 179 -11.86 -12.37 -6.11
CA LEU A 179 -11.55 -12.13 -4.71
C LEU A 179 -11.36 -13.41 -3.92
N GLN A 180 -12.07 -14.47 -4.28
CA GLN A 180 -12.04 -15.72 -3.53
C GLN A 180 -11.21 -16.80 -4.22
N ARG A 181 -10.38 -16.41 -5.18
CA ARG A 181 -9.39 -17.28 -5.77
C ARG A 181 -8.00 -16.81 -5.34
N ALA A 182 -7.10 -17.76 -5.16
CA ALA A 182 -5.69 -17.49 -4.90
C ALA A 182 -4.88 -17.90 -6.11
N GLU A 183 -4.00 -17.01 -6.57
CA GLU A 183 -3.11 -17.34 -7.67
C GLU A 183 -1.74 -17.65 -7.08
N HIS A 184 -1.27 -18.87 -7.34
CA HIS A 184 -0.01 -19.31 -6.77
C HIS A 184 1.15 -18.55 -7.40
N PRO A 185 2.26 -18.43 -6.68
CA PRO A 185 3.43 -17.76 -7.27
C PRO A 185 4.06 -18.60 -8.37
N LYS A 186 4.60 -17.90 -9.36
CA LYS A 186 5.43 -18.52 -10.39
C LYS A 186 6.88 -18.28 -10.00
N THR A 187 7.63 -19.36 -9.81
CA THR A 187 8.93 -19.29 -9.15
C THR A 187 10.06 -19.74 -10.07
N HIS A 188 11.26 -19.28 -9.73
CA HIS A 188 12.50 -19.79 -10.29
C HIS A 188 13.64 -19.25 -9.44
N VAL A 189 14.80 -19.89 -9.58
CA VAL A 189 15.98 -19.57 -8.78
C VAL A 189 17.08 -19.13 -9.74
N THR A 190 17.75 -18.03 -9.41
CA THR A 190 18.89 -17.54 -10.17
C THR A 190 20.14 -17.58 -9.29
N HIS A 191 21.29 -17.65 -9.95
CA HIS A 191 22.57 -17.78 -9.29
C HIS A 191 23.53 -16.72 -9.83
N HIS A 192 24.27 -16.08 -8.93
CA HIS A 192 25.25 -15.10 -9.38
C HIS A 192 26.56 -15.28 -8.62
N PRO A 193 27.62 -15.69 -9.31
CA PRO A 193 28.93 -15.78 -8.65
C PRO A 193 29.51 -14.41 -8.38
N VAL A 194 29.99 -14.21 -7.16
CA VAL A 194 30.62 -12.95 -6.77
C VAL A 194 32.14 -13.07 -6.78
N SER A 195 32.67 -14.13 -6.18
CA SER A 195 34.10 -14.29 -6.01
C SER A 195 34.43 -15.77 -5.96
N ASP A 196 35.73 -16.07 -5.81
CA ASP A 196 36.16 -17.46 -5.64
C ASP A 196 35.56 -18.08 -4.39
N HIS A 197 35.25 -17.27 -3.38
CA HIS A 197 34.75 -17.79 -2.12
C HIS A 197 33.27 -17.54 -1.87
N GLU A 198 32.60 -16.74 -2.71
CA GLU A 198 31.24 -16.29 -2.40
C GLU A 198 30.37 -16.30 -3.65
N ALA A 199 29.12 -16.74 -3.47
CA ALA A 199 28.09 -16.66 -4.49
C ALA A 199 26.77 -16.26 -3.84
N THR A 200 25.80 -15.89 -4.67
CA THR A 200 24.49 -15.47 -4.20
C THR A 200 23.40 -16.26 -4.93
N LEU A 201 22.41 -16.73 -4.17
CA LEU A 201 21.25 -17.41 -4.72
C LEU A 201 20.02 -16.52 -4.53
N ARG A 202 19.24 -16.35 -5.58
CA ARG A 202 18.03 -15.55 -5.54
C ARG A 202 16.83 -16.40 -5.91
N CYS A 203 15.81 -16.38 -5.04
CA CYS A 203 14.59 -17.15 -5.25
C CYS A 203 13.45 -16.18 -5.53
N TRP A 204 12.86 -16.34 -6.72
CA TRP A 204 11.86 -15.41 -7.23
C TRP A 204 10.45 -15.96 -7.08
N ALA A 205 9.50 -15.09 -6.73
CA ALA A 205 8.08 -15.40 -6.76
C ALA A 205 7.35 -14.28 -7.48
N LEU A 206 6.62 -14.64 -8.55
CA LEU A 206 5.95 -13.66 -9.39
C LEU A 206 4.49 -14.03 -9.60
N GLY A 207 3.68 -13.00 -9.82
CA GLY A 207 2.30 -13.19 -10.22
C GLY A 207 1.39 -13.84 -9.19
N PHE A 208 1.66 -13.67 -7.91
CA PHE A 208 0.86 -14.30 -6.89
C PHE A 208 -0.14 -13.34 -6.28
N TYR A 209 -1.23 -13.90 -5.76
CA TYR A 209 -2.28 -13.17 -5.08
C TYR A 209 -2.89 -14.13 -4.05
N PRO A 210 -3.12 -13.69 -2.80
CA PRO A 210 -2.86 -12.35 -2.28
C PRO A 210 -1.39 -12.06 -1.99
N ALA A 211 -1.11 -10.93 -1.36
CA ALA A 211 0.27 -10.45 -1.24
C ALA A 211 1.08 -11.22 -0.21
N GLU A 212 0.43 -11.81 0.79
CA GLU A 212 1.15 -12.49 1.85
C GLU A 212 1.87 -13.72 1.29
N ILE A 213 3.17 -13.82 1.57
CA ILE A 213 3.98 -14.92 1.08
C ILE A 213 5.18 -15.06 2.01
N THR A 214 5.73 -16.26 2.09
CA THR A 214 6.92 -16.53 2.88
C THR A 214 7.97 -17.19 2.00
N LEU A 215 9.12 -16.52 1.85
CA LEU A 215 10.28 -17.08 1.17
C LEU A 215 11.37 -17.30 2.19
N THR A 216 11.78 -18.55 2.39
CA THR A 216 12.78 -18.90 3.37
C THR A 216 13.87 -19.74 2.71
N TRP A 217 15.12 -19.32 2.89
CA TRP A 217 16.27 -20.13 2.48
C TRP A 217 16.65 -21.07 3.61
N GLN A 218 16.94 -22.32 3.25
CA GLN A 218 17.37 -23.33 4.21
C GLN A 218 18.69 -23.93 3.77
N ARG A 219 19.54 -24.25 4.74
CA ARG A 219 20.78 -24.98 4.49
C ARG A 219 20.67 -26.32 5.19
N ASP A 220 20.87 -27.40 4.43
CA ASP A 220 20.75 -28.78 4.97
C ASP A 220 19.36 -28.97 5.57
N GLY A 221 18.37 -28.26 5.06
CA GLY A 221 16.98 -28.34 5.53
C GLY A 221 16.67 -27.43 6.71
N GLU A 222 17.65 -26.77 7.32
CA GLU A 222 17.15 -25.91 8.42
C GLU A 222 17.17 -24.46 7.97
N ASP A 223 16.10 -23.78 8.35
CA ASP A 223 15.85 -22.39 7.89
C ASP A 223 17.01 -21.49 8.29
N GLN A 224 17.44 -20.63 7.36
CA GLN A 224 18.57 -19.72 7.60
C GLN A 224 18.10 -18.28 7.42
N THR A 225 17.29 -17.77 8.35
CA THR A 225 16.75 -16.39 8.23
C THR A 225 17.84 -15.32 8.35
N GLN A 226 18.95 -15.62 9.00
CA GLN A 226 20.00 -14.59 9.20
C GLN A 226 20.64 -14.06 7.92
N ASP A 227 21.13 -14.93 7.02
CA ASP A 227 21.95 -14.50 5.86
C ASP A 227 21.07 -14.09 4.69
N THR A 228 19.78 -14.37 4.80
CA THR A 228 18.91 -14.04 3.66
C THR A 228 18.63 -12.54 3.61
N GLU A 229 18.30 -12.11 2.42
CA GLU A 229 17.96 -10.72 2.09
C GLU A 229 16.60 -10.73 1.38
N LEU A 230 15.60 -10.08 1.92
CA LEU A 230 14.26 -9.98 1.35
C LEU A 230 14.02 -8.59 0.80
N VAL A 231 13.40 -8.51 -0.38
CA VAL A 231 12.83 -7.25 -0.82
C VAL A 231 11.45 -7.07 -0.22
N GLU A 232 11.01 -5.82 -0.19
CA GLU A 232 9.61 -5.53 0.08
C GLU A 232 8.76 -6.10 -1.05
N THR A 233 7.68 -6.78 -0.68
CA THR A 233 6.73 -7.25 -1.68
C THR A 233 6.22 -6.06 -2.49
N ARG A 234 6.12 -6.25 -3.80
CA ARG A 234 5.85 -5.15 -4.71
C ARG A 234 4.72 -5.49 -5.66
N PRO A 235 3.94 -4.48 -6.09
CA PRO A 235 2.84 -4.74 -7.02
C PRO A 235 3.33 -4.90 -8.45
N ALA A 236 2.77 -5.91 -9.13
CA ALA A 236 3.07 -6.08 -10.55
C ALA A 236 2.36 -5.03 -11.41
N GLY A 237 1.30 -4.41 -10.88
CA GLY A 237 0.50 -3.47 -11.63
C GLY A 237 -0.74 -4.07 -12.25
N ASP A 238 -0.87 -5.39 -12.25
CA ASP A 238 -2.03 -6.07 -12.81
C ASP A 238 -2.92 -6.71 -11.74
N GLY A 239 -2.64 -6.44 -10.46
CA GLY A 239 -3.38 -7.04 -9.38
C GLY A 239 -2.66 -8.15 -8.66
N THR A 240 -1.53 -8.61 -9.17
CA THR A 240 -0.70 -9.60 -8.51
C THR A 240 0.56 -8.94 -7.97
N PHE A 241 1.38 -9.74 -7.28
CA PHE A 241 2.51 -9.21 -6.53
C PHE A 241 3.77 -10.01 -6.85
N GLN A 242 4.91 -9.43 -6.47
CA GLN A 242 6.22 -10.01 -6.74
C GLN A 242 7.09 -9.87 -5.50
N LYS A 243 8.07 -10.76 -5.37
CA LYS A 243 9.00 -10.74 -4.25
C LYS A 243 10.16 -11.68 -4.57
N TRP A 244 11.33 -11.37 -4.00
CA TRP A 244 12.45 -12.29 -4.07
C TRP A 244 13.20 -12.30 -2.74
N ALA A 245 13.94 -13.38 -2.53
CA ALA A 245 14.79 -13.57 -1.36
C ALA A 245 16.16 -14.02 -1.83
N ALA A 246 17.20 -13.37 -1.32
CA ALA A 246 18.58 -13.69 -1.70
C ALA A 246 19.36 -14.14 -0.49
N VAL A 247 20.26 -15.09 -0.71
CA VAL A 247 21.14 -15.63 0.32
C VAL A 247 22.55 -15.69 -0.25
N VAL A 248 23.54 -15.33 0.56
CA VAL A 248 24.94 -15.44 0.17
C VAL A 248 25.46 -16.79 0.65
N VAL A 249 25.98 -17.58 -0.28
CA VAL A 249 26.41 -18.94 0.04
C VAL A 249 27.89 -19.09 -0.30
N PRO A 250 28.65 -19.91 0.42
CA PRO A 250 30.02 -20.19 0.01
C PRO A 250 30.04 -20.84 -1.35
N SER A 251 30.88 -20.32 -2.24
CA SER A 251 30.93 -20.82 -3.61
C SER A 251 31.21 -22.32 -3.61
N GLY A 252 30.40 -23.07 -4.35
CA GLY A 252 30.52 -24.50 -4.44
C GLY A 252 29.52 -25.27 -3.59
N GLU A 253 28.89 -24.62 -2.61
CA GLU A 253 27.96 -25.28 -1.70
C GLU A 253 26.50 -25.01 -2.07
N GLU A 254 26.22 -24.68 -3.33
CA GLU A 254 24.88 -24.23 -3.70
C GLU A 254 23.83 -25.31 -3.49
N GLN A 255 24.20 -26.58 -3.70
CA GLN A 255 23.21 -27.65 -3.67
C GLN A 255 22.73 -27.97 -2.26
N ARG A 256 23.38 -27.44 -1.23
CA ARG A 256 22.91 -27.63 0.14
C ARG A 256 21.84 -26.61 0.52
N TYR A 257 21.48 -25.70 -0.38
CA TYR A 257 20.53 -24.64 -0.08
C TYR A 257 19.24 -24.86 -0.85
N THR A 258 18.12 -24.73 -0.14
CA THR A 258 16.81 -24.85 -0.75
C THR A 258 15.96 -23.64 -0.37
N CYS A 259 15.13 -23.19 -1.31
CA CYS A 259 14.21 -22.11 -0.99
C CYS A 259 12.82 -22.69 -0.73
N HIS A 260 12.28 -22.27 0.40
CA HIS A 260 10.97 -22.73 0.87
C HIS A 260 9.94 -21.64 0.60
N VAL A 261 8.96 -21.94 -0.25
CA VAL A 261 7.93 -20.99 -0.66
C VAL A 261 6.60 -21.44 -0.07
N GLN A 262 5.95 -20.54 0.67
CA GLN A 262 4.65 -20.81 1.27
C GLN A 262 3.67 -19.74 0.81
N HIS A 263 2.55 -20.17 0.23
CA HIS A 263 1.53 -19.25 -0.24
C HIS A 263 0.18 -19.94 -0.19
N GLU A 264 -0.87 -19.14 -0.01
CA GLU A 264 -2.23 -19.67 0.05
C GLU A 264 -2.59 -20.45 -1.22
N GLY A 265 -2.02 -20.07 -2.36
CA GLY A 265 -2.28 -20.72 -3.62
C GLY A 265 -1.49 -22.00 -3.86
N LEU A 266 -0.63 -22.39 -2.93
CA LEU A 266 0.12 -23.63 -3.07
C LEU A 266 -0.53 -24.70 -2.20
N PRO A 267 -0.91 -25.86 -2.76
CA PRO A 267 -1.52 -26.89 -1.91
C PRO A 267 -0.57 -27.42 -0.84
N GLU A 268 0.70 -27.55 -1.18
CA GLU A 268 1.76 -27.86 -0.24
C GLU A 268 2.91 -26.90 -0.48
N PRO A 269 3.69 -26.61 0.56
CA PRO A 269 4.85 -25.72 0.39
C PRO A 269 5.80 -26.22 -0.69
N LEU A 270 6.52 -25.27 -1.28
CA LEU A 270 7.45 -25.54 -2.37
C LEU A 270 8.88 -25.57 -1.84
N THR A 271 9.65 -26.56 -2.28
CA THR A 271 11.08 -26.66 -2.02
C THR A 271 11.82 -26.48 -3.34
N LEU A 272 12.58 -25.40 -3.46
CA LEU A 272 13.28 -25.05 -4.69
C LEU A 272 14.78 -25.19 -4.49
N ARG A 273 15.46 -25.73 -5.50
CA ARG A 273 16.91 -25.84 -5.48
C ARG A 273 17.45 -25.44 -6.84
N TRP A 274 18.56 -24.70 -6.85
CA TRP A 274 19.15 -24.22 -8.09
C TRP A 274 19.76 -25.36 -8.89
N MET B 1 7.28 15.96 13.29
CA MET B 1 7.37 16.06 11.84
C MET B 1 8.30 14.99 11.29
N ILE B 2 7.72 13.95 10.70
CA ILE B 2 8.48 12.84 10.15
C ILE B 2 8.96 13.18 8.75
N GLN B 3 10.19 12.78 8.43
CA GLN B 3 10.74 12.91 7.09
C GLN B 3 11.45 11.61 6.75
N ARG B 4 10.89 10.84 5.80
CA ARG B 4 11.44 9.55 5.43
C ARG B 4 11.60 9.46 3.91
N THR B 5 12.76 8.97 3.49
CA THR B 5 13.11 8.98 2.07
C THR B 5 12.57 7.72 1.38
N PRO B 6 12.14 7.85 0.12
CA PRO B 6 11.49 6.70 -0.54
C PRO B 6 12.46 5.58 -0.86
N LYS B 7 12.02 4.35 -0.61
CA LYS B 7 12.63 3.17 -1.22
C LYS B 7 12.16 3.07 -2.66
N ILE B 8 13.06 2.72 -3.56
CA ILE B 8 12.79 2.73 -4.99
C ILE B 8 13.11 1.37 -5.58
N GLN B 9 12.15 0.79 -6.30
CA GLN B 9 12.36 -0.43 -7.06
C GLN B 9 11.91 -0.21 -8.50
N VAL B 10 12.73 -0.66 -9.45
CA VAL B 10 12.45 -0.55 -10.88
C VAL B 10 12.43 -1.95 -11.46
N TYR B 11 11.34 -2.30 -12.14
CA TYR B 11 11.13 -3.68 -12.56
C TYR B 11 10.02 -3.72 -13.60
N SER B 12 9.90 -4.87 -14.27
CA SER B 12 8.89 -5.09 -15.29
C SER B 12 7.74 -5.92 -14.72
N ARG B 13 6.54 -5.69 -15.27
CA ARG B 13 5.36 -6.43 -14.83
C ARG B 13 5.53 -7.93 -15.10
N HIS B 14 6.00 -8.28 -16.29
CA HIS B 14 6.28 -9.65 -16.68
C HIS B 14 7.77 -9.80 -16.95
N PRO B 15 8.29 -11.02 -16.91
CA PRO B 15 9.70 -11.22 -17.26
C PRO B 15 10.03 -10.59 -18.61
N ALA B 16 11.09 -9.80 -18.65
CA ALA B 16 11.40 -9.00 -19.81
C ALA B 16 11.92 -9.89 -20.94
N GLU B 17 11.25 -9.83 -22.09
CA GLU B 17 11.70 -10.48 -23.30
C GLU B 17 11.86 -9.42 -24.38
N ASN B 18 13.04 -9.36 -24.98
CA ASN B 18 13.31 -8.35 -26.02
C ASN B 18 12.29 -8.45 -27.15
N GLY B 19 11.70 -7.31 -27.49
CA GLY B 19 10.76 -7.24 -28.59
C GLY B 19 9.33 -7.55 -28.25
N LYS B 20 9.02 -7.87 -27.00
CA LYS B 20 7.66 -8.22 -26.61
C LYS B 20 7.13 -7.18 -25.62
N SER B 21 5.91 -6.73 -25.88
CA SER B 21 5.33 -5.65 -25.09
C SER B 21 5.24 -6.02 -23.62
N ASN B 22 5.34 -5.02 -22.76
CA ASN B 22 5.49 -5.22 -21.32
C ASN B 22 5.11 -3.92 -20.62
N PHE B 23 5.31 -3.88 -19.30
CA PHE B 23 5.12 -2.67 -18.52
C PHE B 23 6.33 -2.46 -17.63
N LEU B 24 6.83 -1.22 -17.60
CA LEU B 24 7.94 -0.84 -16.75
C LEU B 24 7.40 -0.16 -15.50
N ASN B 25 7.84 -0.62 -14.34
CA ASN B 25 7.32 -0.16 -13.05
C ASN B 25 8.41 0.55 -12.26
N CYS B 26 8.01 1.61 -11.57
CA CYS B 26 8.87 2.27 -10.56
C CYS B 26 8.03 2.38 -9.28
N TYR B 27 8.36 1.56 -8.30
CA TYR B 27 7.61 1.47 -7.05
C TYR B 27 8.35 2.26 -5.97
N VAL B 28 7.71 3.33 -5.47
CA VAL B 28 8.27 4.14 -4.40
C VAL B 28 7.44 3.91 -3.15
N SER B 29 8.13 3.63 -2.03
CA SER B 29 7.44 3.27 -0.80
C SER B 29 8.23 3.78 0.38
N GLY B 30 7.59 3.73 1.55
CA GLY B 30 8.24 4.10 2.79
C GLY B 30 8.60 5.56 2.93
N PHE B 31 7.91 6.46 2.24
CA PHE B 31 8.26 7.87 2.32
C PHE B 31 7.20 8.67 3.05
N HIS B 32 7.62 9.84 3.55
CA HIS B 32 6.81 10.79 4.28
C HIS B 32 7.54 12.13 4.28
N PRO B 33 6.86 13.26 3.99
CA PRO B 33 5.45 13.38 3.62
C PRO B 33 5.14 12.89 2.20
N SER B 34 3.93 13.13 1.73
CA SER B 34 3.43 12.43 0.54
C SER B 34 3.83 13.10 -0.78
N ASP B 35 4.27 14.35 -0.77
CA ASP B 35 4.64 15.02 -2.00
C ASP B 35 5.91 14.39 -2.58
N ILE B 36 5.83 13.95 -3.84
CA ILE B 36 6.92 13.26 -4.49
C ILE B 36 6.80 13.46 -5.99
N GLU B 37 7.94 13.46 -6.68
CA GLU B 37 8.01 13.59 -8.12
C GLU B 37 8.74 12.38 -8.68
N VAL B 38 8.10 11.66 -9.60
CA VAL B 38 8.64 10.43 -10.16
C VAL B 38 8.58 10.50 -11.67
N ASP B 39 9.71 10.33 -12.34
CA ASP B 39 9.79 10.29 -13.78
C ASP B 39 10.44 8.99 -14.21
N LEU B 40 9.95 8.44 -15.32
CA LEU B 40 10.58 7.29 -15.97
C LEU B 40 11.40 7.78 -17.17
N LEU B 41 12.60 7.22 -17.32
CA LEU B 41 13.53 7.68 -18.33
C LEU B 41 13.84 6.54 -19.30
N LYS B 42 13.95 6.88 -20.58
CA LYS B 42 14.45 5.97 -21.61
C LYS B 42 15.64 6.64 -22.28
N ASN B 43 16.83 6.04 -22.11
CA ASN B 43 18.08 6.61 -22.61
C ASN B 43 18.27 8.04 -22.10
N GLY B 44 17.98 8.25 -20.83
CA GLY B 44 18.13 9.54 -20.19
C GLY B 44 17.03 10.54 -20.44
N GLU B 45 16.11 10.26 -21.36
CA GLU B 45 15.05 11.19 -21.73
C GLU B 45 13.74 10.80 -21.04
N ARG B 46 13.03 11.81 -20.55
CA ARG B 46 11.81 11.56 -19.78
C ARG B 46 10.73 10.95 -20.66
N ILE B 47 10.17 9.84 -20.20
CA ILE B 47 9.08 9.18 -20.91
C ILE B 47 7.78 9.92 -20.62
N GLU B 48 7.13 10.39 -21.68
CA GLU B 48 5.79 10.94 -21.51
C GLU B 48 4.77 9.81 -21.42
N LYS B 49 3.60 10.16 -20.87
CA LYS B 49 2.47 9.23 -20.70
C LYS B 49 2.83 8.12 -19.71
N VAL B 50 3.20 8.54 -18.50
CA VAL B 50 3.39 7.64 -17.37
C VAL B 50 2.18 7.77 -16.46
N GLU B 51 1.61 6.65 -16.07
CA GLU B 51 0.49 6.62 -15.13
C GLU B 51 0.99 6.24 -13.75
N HIS B 52 0.16 6.51 -12.74
CA HIS B 52 0.52 6.16 -11.37
C HIS B 52 -0.72 5.72 -10.60
N SER B 53 -0.49 4.90 -9.58
CA SER B 53 -1.54 4.40 -8.73
C SER B 53 -2.05 5.51 -7.81
N ASP B 54 -3.06 5.19 -7.02
CA ASP B 54 -3.64 6.13 -6.07
C ASP B 54 -2.85 6.09 -4.77
N LEU B 55 -2.66 7.27 -4.17
CA LEU B 55 -1.86 7.37 -2.96
C LEU B 55 -2.47 6.56 -1.82
N SER B 56 -1.71 5.60 -1.31
CA SER B 56 -2.07 4.79 -0.15
C SER B 56 -0.88 4.80 0.82
N PHE B 57 -1.04 4.13 1.95
CA PHE B 57 0.07 4.06 2.90
C PHE B 57 0.04 2.73 3.62
N SER B 58 1.15 2.45 4.31
CA SER B 58 1.37 1.18 4.98
C SER B 58 0.93 1.27 6.44
N LYS B 59 1.09 0.15 7.15
CA LYS B 59 0.68 0.08 8.56
C LYS B 59 1.50 1.03 9.41
N ASP B 60 2.71 1.38 8.99
CA ASP B 60 3.55 2.32 9.71
C ASP B 60 3.36 3.77 9.26
N TRP B 61 2.29 4.03 8.50
CA TRP B 61 1.84 5.34 8.01
C TRP B 61 2.65 5.86 6.83
N SER B 62 3.68 5.15 6.39
CA SER B 62 4.48 5.62 5.26
C SER B 62 3.78 5.33 3.93
N PHE B 63 3.95 6.24 2.98
CA PHE B 63 3.21 6.24 1.72
C PHE B 63 3.87 5.32 0.70
N TYR B 64 3.08 4.90 -0.28
CA TYR B 64 3.62 4.16 -1.42
C TYR B 64 2.81 4.47 -2.67
N LEU B 65 3.50 4.41 -3.81
CA LEU B 65 2.90 4.68 -5.12
C LEU B 65 3.61 3.81 -6.16
N LEU B 66 2.86 3.41 -7.18
CA LEU B 66 3.42 2.72 -8.34
C LEU B 66 3.26 3.60 -9.57
N TYR B 67 4.37 3.89 -10.23
CA TYR B 67 4.38 4.57 -11.52
C TYR B 67 4.72 3.55 -12.59
N TYR B 68 4.06 3.65 -13.74
CA TYR B 68 4.22 2.61 -14.75
C TYR B 68 3.91 3.17 -16.14
N THR B 69 4.48 2.49 -17.14
CA THR B 69 4.27 2.83 -18.54
C THR B 69 4.48 1.58 -19.37
N GLU B 70 3.70 1.45 -20.44
CA GLU B 70 3.92 0.36 -21.38
C GLU B 70 5.23 0.57 -22.13
N PHE B 71 5.99 -0.50 -22.32
CA PHE B 71 7.23 -0.41 -23.08
C PHE B 71 7.55 -1.76 -23.70
N THR B 72 8.43 -1.72 -24.70
CA THR B 72 8.92 -2.92 -25.36
C THR B 72 10.43 -2.96 -25.17
N PRO B 73 10.94 -3.81 -24.27
CA PRO B 73 12.38 -3.81 -24.01
C PRO B 73 13.19 -4.27 -25.21
N THR B 74 14.37 -3.69 -25.36
CA THR B 74 15.37 -4.12 -26.33
C THR B 74 16.68 -4.36 -25.60
N GLU B 75 17.64 -4.96 -26.31
CA GLU B 75 18.88 -5.31 -25.63
C GLU B 75 19.73 -4.10 -25.27
N LYS B 76 19.56 -2.96 -25.95
CA LYS B 76 20.43 -1.81 -25.73
C LYS B 76 19.74 -0.58 -25.16
N ASP B 77 18.41 -0.49 -25.22
CA ASP B 77 17.73 0.64 -24.61
C ASP B 77 17.87 0.58 -23.10
N GLU B 78 18.16 1.73 -22.50
CA GLU B 78 18.36 1.85 -21.06
C GLU B 78 17.17 2.58 -20.44
N TYR B 79 16.65 2.05 -19.34
CA TYR B 79 15.49 2.60 -18.66
C TYR B 79 15.80 2.88 -17.20
N ALA B 80 15.22 3.95 -16.67
CA ALA B 80 15.52 4.36 -15.30
C ALA B 80 14.30 5.03 -14.68
N CYS B 81 14.43 5.29 -13.39
CA CYS B 81 13.39 6.01 -12.62
C CYS B 81 14.06 7.17 -11.89
N ARG B 82 13.53 8.39 -12.06
CA ARG B 82 14.03 9.59 -11.42
C ARG B 82 13.04 10.04 -10.35
N VAL B 83 13.51 10.16 -9.11
CA VAL B 83 12.66 10.44 -7.96
C VAL B 83 13.18 11.69 -7.27
N ASN B 84 12.28 12.63 -6.97
CA ASN B 84 12.62 13.76 -6.11
C ASN B 84 11.64 13.86 -4.96
N HIS B 85 12.16 14.21 -3.80
CA HIS B 85 11.43 14.24 -2.54
C HIS B 85 12.16 15.21 -1.62
N VAL B 86 11.44 15.70 -0.62
CA VAL B 86 12.03 16.72 0.25
C VAL B 86 13.25 16.19 1.00
N THR B 87 13.31 14.87 1.22
CA THR B 87 14.47 14.27 1.86
C THR B 87 15.69 14.20 0.96
N LEU B 88 15.53 14.42 -0.34
CA LEU B 88 16.60 14.23 -1.32
C LEU B 88 17.20 15.58 -1.67
N SER B 89 18.44 15.82 -1.25
CA SER B 89 19.12 17.06 -1.60
C SER B 89 19.28 17.21 -3.10
N GLN B 90 19.39 16.10 -3.82
CA GLN B 90 19.42 16.08 -5.26
C GLN B 90 18.60 14.88 -5.75
N PRO B 91 18.00 14.99 -6.93
CA PRO B 91 17.16 13.88 -7.43
C PRO B 91 17.93 12.57 -7.48
N LYS B 92 17.19 11.48 -7.35
CA LYS B 92 17.77 10.13 -7.31
C LYS B 92 17.37 9.39 -8.57
N ILE B 93 18.35 8.75 -9.22
CA ILE B 93 18.13 7.91 -10.38
C ILE B 93 18.40 6.46 -9.99
N VAL B 94 17.47 5.57 -10.31
CA VAL B 94 17.66 4.13 -10.15
C VAL B 94 17.49 3.51 -11.53
N LYS B 95 18.54 2.85 -12.01
CA LYS B 95 18.48 2.25 -13.33
C LYS B 95 17.75 0.91 -13.28
N TRP B 96 17.00 0.62 -14.34
CA TRP B 96 16.37 -0.68 -14.48
C TRP B 96 17.43 -1.75 -14.73
N ASP B 97 17.57 -2.68 -13.79
CA ASP B 97 18.38 -3.86 -13.98
C ASP B 97 17.43 -5.03 -14.25
N ARG B 98 17.57 -5.64 -15.43
CA ARG B 98 16.78 -6.81 -15.77
C ARG B 98 16.92 -7.94 -14.75
N ASP B 99 17.98 -7.89 -13.94
CA ASP B 99 18.14 -8.76 -12.77
C ASP B 99 18.25 -10.23 -13.14
N GLY C 1 -18.25 0.13 1.02
CA GLY C 1 -19.12 1.16 1.57
C GLY C 1 -18.48 1.91 2.72
N ALA C 2 -18.18 3.19 2.51
CA ALA C 2 -17.40 3.94 3.47
C ALA C 2 -18.21 4.28 4.72
N ASP C 3 -17.49 4.50 5.82
CA ASP C 3 -18.09 4.92 7.07
C ASP C 3 -18.68 6.33 6.93
N GLY C 4 -19.75 6.57 7.69
CA GLY C 4 -20.29 7.91 7.77
C GLY C 4 -19.34 8.86 8.47
N VAL C 5 -19.60 10.15 8.30
CA VAL C 5 -18.70 11.17 8.83
C VAL C 5 -19.09 11.49 10.27
N GLY C 6 -18.10 11.46 11.14
CA GLY C 6 -18.27 11.74 12.55
C GLY C 6 -17.78 13.13 12.93
N LYS C 7 -17.21 13.23 14.13
CA LYS C 7 -16.78 14.51 14.66
C LYS C 7 -15.34 14.82 14.26
N SER C 8 -15.06 16.10 14.08
CA SER C 8 -13.69 16.54 13.84
C SER C 8 -12.82 16.21 15.05
N ALA C 9 -11.51 16.19 14.82
CA ALA C 9 -10.56 15.96 15.91
C ALA C 9 -10.43 17.22 16.75
#